data_1NFW
#
_entry.id   1NFW
#
_cell.length_a   55.950
_cell.length_b   71.730
_cell.length_c   78.960
_cell.angle_alpha   90.00
_cell.angle_beta   90.00
_cell.angle_gamma   90.00
#
_symmetry.space_group_name_H-M   'P 21 21 21'
#
loop_
_entity.id
_entity.type
_entity.pdbx_description
1 polymer 'COAGULATION FACTOR XA, heavy chain'
2 polymer 'COAGULATION FACTOR XA, light chain'
3 non-polymer 'CALCIUM ION'
4 non-polymer 4-{[(E)-2-(5-CHLOROTHIEN-2-YL)VINYL]SULFONYL}-1-(1H-PYRROLO[3,2-C]PYRIDIN-2-YLMETHYL)PIPERAZIN-2-ONE
5 water water
#
loop_
_entity_poly.entity_id
_entity_poly.type
_entity_poly.pdbx_seq_one_letter_code
_entity_poly.pdbx_strand_id
1 'polypeptide(L)'
;IVGGQECKDGECPWQALLINEENEGFCGGTILSEFYILTAAHCLYQAKRFKVRVGDRNTEQEEGGEAVHEVEVVIKHNRF
TKETYDFDIAVLRLKTPITFRMNVAPACLPERDWAESTLMTQKTGIVSGFGRTHEKGRQSTRLKMLEVPYVDRNSCKLSS
SFIITQNMFCAGYDTKQEDACQGDSGGPHVTRFKDTYFVTGIVSWGEGCARKGKYGIYTKVTAFLKWIDRSMKTRGLPKA
KSHAPEVITSSPLK
;
A
2 'polypeptide(L)'
;EEMKKGHLERECMEETCSYEEAREVFEDSDKTNEFWNKYKDGDQCETSPCQNQGKCKDGLGEYTCTCLEGFEGKNCELFT
RKLCSLDNGDCDQFCHEEQNSVVCSCARGYTLADNGKACIPTGPYPCGKQTLER
;
B
#
loop_
_chem_comp.id
_chem_comp.type
_chem_comp.name
_chem_comp.formula
CA non-polymer 'CALCIUM ION' 'Ca 2'
RRR non-polymer 4-{[(E)-2-(5-CHLOROTHIEN-2-YL)VINYL]SULFONYL}-1-(1H-PYRROLO[3,2-C]PYRIDIN-2-YLMETHYL)PIPERAZIN-2-ONE 'C18 H17 Cl N4 O3 S2'
#
# COMPACT_ATOMS: atom_id res chain seq x y z
N ILE A 1 -11.21 -0.49 8.26
CA ILE A 1 -11.79 -1.32 7.16
C ILE A 1 -13.22 -1.73 7.47
N VAL A 2 -14.14 -1.34 6.59
CA VAL A 2 -15.55 -1.68 6.74
C VAL A 2 -15.74 -3.00 6.02
N GLY A 3 -16.20 -4.02 6.74
CA GLY A 3 -16.36 -5.32 6.12
C GLY A 3 -15.02 -6.02 6.02
N GLY A 4 -14.84 -6.82 4.99
CA GLY A 4 -13.58 -7.54 4.83
C GLY A 4 -13.38 -8.59 5.90
N GLN A 5 -12.14 -9.06 6.00
CA GLN A 5 -11.78 -10.08 6.99
C GLN A 5 -10.51 -9.62 7.68
N GLU A 6 -10.16 -10.24 8.81
CA GLU A 6 -8.94 -9.84 9.48
C GLU A 6 -7.76 -10.52 8.81
N CYS A 7 -6.62 -9.83 8.79
CA CYS A 7 -5.42 -10.38 8.20
C CYS A 7 -5.01 -11.55 9.07
N LYS A 8 -4.88 -12.72 8.46
CA LYS A 8 -4.46 -13.88 9.19
C LYS A 8 -2.95 -13.79 9.35
N ASP A 9 -2.40 -14.65 10.21
CA ASP A 9 -0.97 -14.66 10.48
C ASP A 9 -0.06 -14.61 9.26
N GLY A 10 0.77 -13.58 9.21
CA GLY A 10 1.71 -13.43 8.09
C GLY A 10 1.14 -13.00 6.76
N GLU A 11 -0.14 -12.61 6.75
CA GLU A 11 -0.82 -12.20 5.52
C GLU A 11 -0.70 -10.74 5.08
N CYS A 12 -0.43 -9.84 6.02
CA CYS A 12 -0.29 -8.41 5.71
C CYS A 12 0.96 -7.88 6.45
N PRO A 13 2.13 -8.48 6.17
CA PRO A 13 3.36 -8.06 6.84
C PRO A 13 3.91 -6.68 6.53
N TRP A 14 3.44 -6.07 5.44
CA TRP A 14 3.91 -4.75 5.02
C TRP A 14 3.11 -3.64 5.69
N GLN A 15 2.13 -4.03 6.48
CA GLN A 15 1.32 -3.05 7.17
C GLN A 15 2.09 -2.41 8.33
N ALA A 16 2.10 -1.08 8.37
CA ALA A 16 2.75 -0.33 9.43
C ALA A 16 1.65 0.51 10.03
N LEU A 17 1.86 1.00 11.26
CA LEU A 17 0.86 1.82 11.93
C LEU A 17 1.49 3.04 12.58
N LEU A 18 1.04 4.23 12.19
CA LEU A 18 1.56 5.46 12.78
C LEU A 18 0.81 5.62 14.10
N ILE A 19 1.56 5.79 15.18
CA ILE A 19 0.97 5.94 16.51
C ILE A 19 1.38 7.28 17.16
N ASN A 20 0.44 7.90 17.85
CA ASN A 20 0.69 9.18 18.51
C ASN A 20 1.33 8.99 19.89
N GLU A 21 1.56 10.10 20.59
CA GLU A 21 2.18 10.08 21.92
C GLU A 21 1.52 9.13 22.90
N GLU A 22 0.22 8.92 22.75
CA GLU A 22 -0.50 8.03 23.64
C GLU A 22 -0.61 6.60 23.12
N ASN A 23 0.23 6.27 22.14
CA ASN A 23 0.27 4.92 21.56
C ASN A 23 -0.98 4.49 20.78
N GLU A 24 -1.77 5.45 20.33
CA GLU A 24 -2.97 5.13 19.57
C GLU A 24 -2.68 5.33 18.09
N GLY A 25 -3.08 4.35 17.27
CA GLY A 25 -2.85 4.47 15.85
C GLY A 25 -3.79 5.50 15.25
N PHE A 26 -3.31 6.30 14.31
CA PHE A 26 -4.16 7.30 13.68
C PHE A 26 -4.04 7.29 12.15
N CYS A 27 -3.15 6.45 11.64
CA CYS A 27 -2.95 6.34 10.21
C CYS A 27 -2.18 5.06 9.89
N GLY A 28 -2.15 4.73 8.61
CA GLY A 28 -1.45 3.53 8.19
C GLY A 28 -0.21 3.86 7.41
N GLY A 29 0.49 2.81 6.98
CA GLY A 29 1.71 2.99 6.21
C GLY A 29 2.06 1.64 5.59
N THR A 30 3.01 1.65 4.65
CA THR A 30 3.45 0.43 3.99
C THR A 30 4.95 0.31 4.16
N ILE A 31 5.41 -0.87 4.54
CA ILE A 31 6.84 -1.09 4.69
C ILE A 31 7.42 -1.21 3.28
N LEU A 32 8.33 -0.33 2.92
CA LEU A 32 8.95 -0.36 1.60
C LEU A 32 10.32 -1.01 1.65
N SER A 33 11.00 -0.87 2.79
CA SER A 33 12.32 -1.44 2.99
C SER A 33 12.66 -1.39 4.49
N GLU A 34 13.85 -1.84 4.85
CA GLU A 34 14.22 -1.84 6.26
C GLU A 34 14.24 -0.45 6.85
N PHE A 35 14.44 0.56 6.00
CA PHE A 35 14.50 1.94 6.49
C PHE A 35 13.33 2.84 6.09
N TYR A 36 12.51 2.42 5.14
CA TYR A 36 11.43 3.29 4.69
C TYR A 36 9.99 2.84 4.77
N ILE A 37 9.15 3.78 5.19
CA ILE A 37 7.71 3.57 5.29
C ILE A 37 7.04 4.56 4.34
N LEU A 38 6.06 4.09 3.58
CA LEU A 38 5.33 4.93 2.65
C LEU A 38 4.02 5.26 3.32
N THR A 39 3.66 6.53 3.34
CA THR A 39 2.40 6.91 3.97
C THR A 39 1.73 8.06 3.21
N ALA A 40 0.62 8.56 3.75
CA ALA A 40 -0.13 9.67 3.16
C ALA A 40 0.36 10.96 3.77
N ALA A 41 0.69 11.93 2.92
CA ALA A 41 1.17 13.23 3.38
C ALA A 41 0.19 13.88 4.34
N HIS A 42 -1.10 13.72 4.08
CA HIS A 42 -2.12 14.32 4.93
C HIS A 42 -2.13 13.74 6.35
N CYS A 43 -1.49 12.59 6.53
CA CYS A 43 -1.44 11.97 7.86
C CYS A 43 -0.47 12.71 8.76
N LEU A 44 0.54 13.33 8.17
CA LEU A 44 1.55 14.07 8.93
C LEU A 44 0.93 15.28 9.59
N TYR A 45 -0.12 15.82 8.97
CA TYR A 45 -0.81 16.99 9.48
C TYR A 45 -1.82 16.56 10.54
N GLN A 46 -1.68 15.33 11.06
CA GLN A 46 -2.62 14.79 12.07
C GLN A 46 -2.02 14.55 13.46
N ALA A 47 -0.71 14.76 13.60
CA ALA A 47 -0.04 14.57 14.89
C ALA A 47 1.35 15.21 14.93
N LYS A 48 1.67 15.84 16.06
CA LYS A 48 2.95 16.49 16.25
C LYS A 48 4.10 15.49 16.19
N ARG A 49 4.17 14.62 17.18
CA ARG A 49 5.22 13.61 17.22
C ARG A 49 4.54 12.25 17.11
N PHE A 50 5.14 11.35 16.35
CA PHE A 50 4.59 10.01 16.16
C PHE A 50 5.70 9.01 15.87
N LYS A 51 5.37 7.73 16.03
CA LYS A 51 6.32 6.67 15.77
C LYS A 51 5.62 5.67 14.87
N VAL A 52 6.37 4.70 14.37
CA VAL A 52 5.78 3.69 13.49
C VAL A 52 5.85 2.30 14.13
N ARG A 53 4.74 1.58 14.11
CA ARG A 53 4.72 0.24 14.65
C ARG A 53 4.51 -0.78 13.53
N VAL A 54 5.26 -1.87 13.57
CA VAL A 54 5.14 -2.92 12.57
C VAL A 54 4.96 -4.26 13.27
N GLY A 55 4.51 -5.28 12.53
CA GLY A 55 4.32 -6.59 13.11
C GLY A 55 3.12 -6.74 14.06
N ASP A 56 2.24 -5.74 14.06
CA ASP A 56 1.06 -5.76 14.92
C ASP A 56 -0.18 -6.27 14.18
N ARG A 57 -1.02 -7.05 14.87
CA ARG A 57 -2.25 -7.58 14.29
C ARG A 57 -3.41 -7.44 15.29
N ASN A 58 -3.07 -7.34 16.57
CA ASN A 58 -4.06 -7.20 17.63
C ASN A 58 -3.56 -6.18 18.64
N THR A 59 -3.95 -4.92 18.47
CA THR A 59 -3.51 -3.84 19.36
C THR A 59 -3.85 -4.07 20.84
N GLU A 60 -4.55 -5.14 21.16
CA GLU A 60 -4.90 -5.42 22.53
C GLU A 60 -4.26 -6.69 23.08
N GLN A 61 -3.02 -6.94 22.67
CA GLN A 61 -2.30 -8.12 23.13
C GLN A 61 -0.93 -8.18 22.45
N GLU A 62 0.12 -7.94 23.23
CA GLU A 62 1.48 -7.98 22.70
C GLU A 62 1.83 -9.42 22.29
N GLU A 63 1.72 -9.69 20.99
CA GLU A 63 2.01 -11.02 20.44
C GLU A 63 3.51 -11.33 20.43
N GLY A 64 4.33 -10.28 20.40
CA GLY A 64 5.77 -10.49 20.40
C GLY A 64 6.50 -10.11 19.13
N GLY A 65 5.77 -10.05 18.01
CA GLY A 65 6.41 -9.70 16.75
C GLY A 65 6.42 -8.20 16.50
N GLU A 66 5.74 -7.47 17.37
CA GLU A 66 5.65 -6.01 17.26
C GLU A 66 6.97 -5.30 17.52
N ALA A 67 7.19 -4.21 16.79
CA ALA A 67 8.38 -3.40 16.91
C ALA A 67 8.03 -1.95 16.65
N VAL A 68 8.37 -1.08 17.59
CA VAL A 68 8.10 0.34 17.45
C VAL A 68 9.39 0.97 16.93
N HIS A 69 9.24 1.88 15.97
CA HIS A 69 10.40 2.52 15.36
C HIS A 69 10.23 4.03 15.33
N GLU A 70 11.30 4.73 15.66
CA GLU A 70 11.28 6.19 15.66
C GLU A 70 11.53 6.68 14.24
N VAL A 71 10.96 7.83 13.91
CA VAL A 71 11.14 8.40 12.57
C VAL A 71 12.32 9.37 12.58
N GLU A 72 13.28 9.13 11.70
CA GLU A 72 14.45 9.98 11.61
C GLU A 72 14.10 11.25 10.83
N VAL A 73 13.57 11.06 9.63
CA VAL A 73 13.18 12.18 8.79
C VAL A 73 11.88 11.90 8.04
N VAL A 74 11.07 12.94 7.89
CA VAL A 74 9.81 12.83 7.18
C VAL A 74 10.01 13.48 5.82
N ILE A 75 9.52 12.85 4.75
CA ILE A 75 9.65 13.40 3.41
C ILE A 75 8.27 13.57 2.77
N LYS A 76 7.74 14.78 2.89
CA LYS A 76 6.42 15.13 2.36
C LYS A 76 6.58 15.58 0.91
N HIS A 77 5.61 15.27 0.06
CA HIS A 77 5.70 15.69 -1.34
C HIS A 77 5.62 17.21 -1.37
N ASN A 78 6.54 17.84 -2.10
CA ASN A 78 6.56 19.29 -2.20
C ASN A 78 5.23 19.87 -2.69
N ARG A 79 4.54 19.13 -3.55
CA ARG A 79 3.28 19.62 -4.09
C ARG A 79 2.01 19.19 -3.39
N PHE A 80 2.12 18.60 -2.21
CA PHE A 80 0.92 18.15 -1.49
C PHE A 80 0.05 19.36 -1.17
N THR A 81 -1.26 19.24 -1.39
CA THR A 81 -2.20 20.33 -1.12
C THR A 81 -3.34 19.84 -0.25
N LYS A 82 -3.40 20.34 0.98
CA LYS A 82 -4.43 19.93 1.93
C LYS A 82 -5.86 20.09 1.45
N GLU A 83 -6.13 21.14 0.69
CA GLU A 83 -7.49 21.40 0.21
C GLU A 83 -8.12 20.29 -0.63
N THR A 84 -7.33 19.72 -1.55
CA THR A 84 -7.85 18.68 -2.44
C THR A 84 -7.26 17.28 -2.27
N TYR A 85 -6.33 17.12 -1.31
CA TYR A 85 -5.71 15.83 -1.06
C TYR A 85 -4.82 15.40 -2.23
N ASP A 86 -4.51 16.33 -3.12
CA ASP A 86 -3.67 16.02 -4.27
C ASP A 86 -2.23 15.84 -3.81
N PHE A 87 -1.50 14.95 -4.48
CA PHE A 87 -0.11 14.68 -4.12
C PHE A 87 -0.02 14.21 -2.68
N ASP A 88 -0.95 13.33 -2.30
CA ASP A 88 -1.03 12.77 -0.94
C ASP A 88 -0.10 11.58 -0.77
N ILE A 89 1.20 11.85 -0.69
CA ILE A 89 2.20 10.81 -0.54
C ILE A 89 3.36 11.34 0.29
N ALA A 90 3.88 10.51 1.17
CA ALA A 90 5.00 10.87 2.03
C ALA A 90 5.80 9.62 2.33
N VAL A 91 7.11 9.80 2.50
CA VAL A 91 8.01 8.69 2.79
C VAL A 91 8.69 8.99 4.13
N LEU A 92 8.84 7.96 4.97
CA LEU A 92 9.47 8.13 6.28
C LEU A 92 10.72 7.27 6.43
N ARG A 93 11.82 7.88 6.89
CA ARG A 93 13.05 7.13 7.12
C ARG A 93 13.16 6.91 8.62
N LEU A 94 13.28 5.65 9.04
CA LEU A 94 13.38 5.31 10.45
C LEU A 94 14.79 5.40 11.00
N LYS A 95 14.89 5.71 12.28
CA LYS A 95 16.20 5.82 12.93
C LYS A 95 16.90 4.46 12.91
N THR A 96 16.17 3.40 13.20
CA THR A 96 16.76 2.07 13.21
C THR A 96 16.10 1.19 12.14
N PRO A 97 16.85 0.21 11.61
CA PRO A 97 16.29 -0.68 10.58
C PRO A 97 15.27 -1.67 11.11
N ILE A 98 14.26 -1.96 10.28
CA ILE A 98 13.21 -2.90 10.63
C ILE A 98 13.78 -4.30 10.40
N THR A 99 13.64 -5.17 11.39
CA THR A 99 14.13 -6.53 11.25
C THR A 99 12.95 -7.35 10.76
N PHE A 100 13.06 -7.84 9.52
CA PHE A 100 12.01 -8.64 8.91
C PHE A 100 11.88 -9.99 9.61
N ARG A 101 10.64 -10.42 9.77
CA ARG A 101 10.33 -11.70 10.41
C ARG A 101 8.86 -11.99 10.13
N MET A 102 8.31 -12.95 10.86
CA MET A 102 6.91 -13.28 10.68
C MET A 102 6.11 -11.99 10.93
N ASN A 103 5.21 -11.66 10.01
CA ASN A 103 4.37 -10.46 10.11
C ASN A 103 5.09 -9.13 9.94
N VAL A 104 6.31 -9.17 9.44
CA VAL A 104 7.08 -7.94 9.21
C VAL A 104 7.90 -8.16 7.95
N ALA A 105 7.41 -7.67 6.82
CA ALA A 105 8.12 -7.82 5.55
C ALA A 105 7.66 -6.70 4.63
N PRO A 106 8.51 -6.30 3.66
CA PRO A 106 8.12 -5.22 2.76
C PRO A 106 7.29 -5.66 1.56
N ALA A 107 6.59 -4.69 0.96
CA ALA A 107 5.80 -4.91 -0.23
C ALA A 107 6.72 -4.45 -1.37
N CYS A 108 6.58 -5.04 -2.56
CA CYS A 108 7.43 -4.65 -3.68
C CYS A 108 6.94 -3.38 -4.37
N LEU A 109 7.89 -2.57 -4.82
CA LEU A 109 7.55 -1.35 -5.55
C LEU A 109 7.57 -1.85 -6.99
N PRO A 110 6.50 -1.58 -7.75
CA PRO A 110 6.47 -2.06 -9.15
C PRO A 110 7.04 -1.02 -10.11
N GLU A 111 7.16 -1.41 -11.39
CA GLU A 111 7.63 -0.51 -12.43
C GLU A 111 6.33 0.13 -12.96
N ARG A 112 6.35 1.45 -13.15
CA ARG A 112 5.16 2.18 -13.59
C ARG A 112 4.39 1.62 -14.77
N ASP A 113 5.04 1.50 -15.91
CA ASP A 113 4.36 1.00 -17.11
C ASP A 113 3.71 -0.37 -16.91
N TRP A 114 4.49 -1.35 -16.45
CA TRP A 114 3.96 -2.70 -16.22
C TRP A 114 2.82 -2.71 -15.21
N ALA A 115 2.97 -1.94 -14.14
CA ALA A 115 1.93 -1.86 -13.10
C ALA A 115 0.62 -1.26 -13.66
N GLU A 116 0.74 -0.17 -14.41
CA GLU A 116 -0.42 0.50 -14.96
C GLU A 116 -1.17 -0.35 -15.97
N SER A 117 -0.44 -1.07 -16.81
CA SER A 117 -1.09 -1.92 -17.80
C SER A 117 -1.46 -3.29 -17.26
N THR A 118 -0.63 -3.84 -16.37
CA THR A 118 -0.89 -5.18 -15.84
C THR A 118 -1.45 -5.28 -14.44
N LEU A 119 -0.92 -4.50 -13.50
CA LEU A 119 -1.39 -4.56 -12.11
C LEU A 119 -2.73 -3.85 -11.90
N MET A 120 -2.81 -2.61 -12.39
CA MET A 120 -4.01 -1.81 -12.24
C MET A 120 -5.18 -2.25 -13.12
N THR A 121 -4.97 -3.30 -13.89
CA THR A 121 -6.03 -3.81 -14.75
C THR A 121 -6.51 -5.16 -14.21
N GLN A 122 -5.98 -5.55 -13.05
CA GLN A 122 -6.38 -6.80 -12.41
C GLN A 122 -7.78 -6.51 -11.88
N LYS A 123 -8.52 -7.56 -11.55
CA LYS A 123 -9.86 -7.38 -11.02
C LYS A 123 -9.83 -6.56 -9.73
N THR A 124 -8.96 -6.96 -8.79
CA THR A 124 -8.89 -6.27 -7.51
C THR A 124 -7.49 -5.99 -6.96
N GLY A 125 -7.48 -5.27 -5.85
CA GLY A 125 -6.28 -4.93 -5.12
C GLY A 125 -6.67 -5.19 -3.67
N ILE A 126 -5.72 -5.10 -2.73
CA ILE A 126 -6.06 -5.34 -1.32
C ILE A 126 -5.71 -4.13 -0.48
N VAL A 127 -6.65 -3.72 0.36
CA VAL A 127 -6.42 -2.57 1.23
C VAL A 127 -6.50 -3.12 2.65
N SER A 128 -5.76 -2.53 3.58
CA SER A 128 -5.77 -3.03 4.94
C SER A 128 -5.44 -1.94 5.97
N GLY A 129 -5.73 -2.25 7.24
CA GLY A 129 -5.44 -1.30 8.31
C GLY A 129 -6.23 -1.51 9.59
N PHE A 130 -5.99 -0.62 10.56
CA PHE A 130 -6.64 -0.67 11.86
C PHE A 130 -7.70 0.43 11.94
N GLY A 131 -8.14 0.93 10.79
CA GLY A 131 -9.13 1.99 10.76
C GLY A 131 -10.53 1.56 11.16
N ARG A 132 -11.42 2.55 11.28
CA ARG A 132 -12.80 2.28 11.67
C ARG A 132 -13.45 1.17 10.89
N THR A 133 -14.31 0.43 11.58
CA THR A 133 -15.04 -0.69 11.00
C THR A 133 -16.39 -0.25 10.45
N HIS A 134 -16.79 0.98 10.79
CA HIS A 134 -18.04 1.58 10.35
C HIS A 134 -17.75 3.08 10.29
N GLU A 135 -18.43 3.80 9.39
CA GLU A 135 -18.21 5.24 9.25
C GLU A 135 -18.20 6.00 10.58
N LYS A 136 -19.09 5.61 11.50
CA LYS A 136 -19.17 6.27 12.80
C LYS A 136 -18.74 5.36 13.95
N GLY A 137 -18.19 4.20 13.60
CA GLY A 137 -17.75 3.25 14.61
C GLY A 137 -16.37 3.55 15.17
N ARG A 138 -15.91 2.70 16.08
CA ARG A 138 -14.61 2.86 16.70
C ARG A 138 -13.53 2.23 15.81
N GLN A 139 -12.29 2.61 16.06
CA GLN A 139 -11.15 2.09 15.30
C GLN A 139 -11.10 0.58 15.54
N SER A 140 -10.48 -0.15 14.62
CA SER A 140 -10.38 -1.60 14.79
C SER A 140 -9.22 -2.01 15.69
N THR A 141 -9.44 -3.08 16.45
CA THR A 141 -8.44 -3.61 17.36
C THR A 141 -7.63 -4.67 16.62
N ARG A 142 -8.23 -5.21 15.57
CA ARG A 142 -7.59 -6.22 14.75
C ARG A 142 -7.26 -5.70 13.35
N LEU A 143 -6.09 -6.03 12.85
CA LEU A 143 -5.69 -5.60 11.54
C LEU A 143 -6.63 -6.29 10.56
N LYS A 144 -7.24 -5.51 9.67
CA LYS A 144 -8.16 -6.07 8.69
C LYS A 144 -7.67 -5.87 7.26
N MET A 145 -8.20 -6.66 6.34
CA MET A 145 -7.85 -6.57 4.94
C MET A 145 -9.15 -6.68 4.15
N LEU A 146 -9.17 -6.09 2.96
CA LEU A 146 -10.35 -6.08 2.11
C LEU A 146 -9.96 -6.07 0.63
N GLU A 147 -10.64 -6.89 -0.16
CA GLU A 147 -10.37 -6.93 -1.59
C GLU A 147 -11.27 -5.87 -2.20
N VAL A 148 -10.67 -4.87 -2.83
CA VAL A 148 -11.43 -3.80 -3.45
C VAL A 148 -11.18 -3.77 -4.94
N PRO A 149 -12.24 -3.96 -5.74
CA PRO A 149 -12.09 -3.94 -7.20
C PRO A 149 -11.68 -2.55 -7.68
N TYR A 150 -10.93 -2.51 -8.78
CA TYR A 150 -10.52 -1.24 -9.34
C TYR A 150 -11.79 -0.63 -9.94
N VAL A 151 -11.95 0.68 -9.80
CA VAL A 151 -13.13 1.35 -10.33
C VAL A 151 -12.82 2.20 -11.56
N ASP A 152 -13.67 2.08 -12.56
CA ASP A 152 -13.51 2.83 -13.80
C ASP A 152 -13.30 4.30 -13.49
N ARG A 153 -12.21 4.83 -14.03
CA ARG A 153 -11.85 6.23 -13.83
C ARG A 153 -13.02 7.20 -14.03
N ASN A 154 -13.69 7.09 -15.17
CA ASN A 154 -14.81 7.97 -15.45
C ASN A 154 -16.01 7.77 -14.54
N SER A 155 -16.33 6.52 -14.22
CA SER A 155 -17.46 6.25 -13.33
C SER A 155 -17.13 6.83 -11.96
N CYS A 156 -15.84 6.86 -11.64
CA CYS A 156 -15.43 7.39 -10.37
C CYS A 156 -15.45 8.90 -10.33
N LYS A 157 -14.93 9.53 -11.37
CA LYS A 157 -14.90 10.98 -11.43
C LYS A 157 -16.33 11.51 -11.32
N LEU A 158 -17.25 10.81 -11.96
CA LEU A 158 -18.67 11.17 -11.95
C LEU A 158 -19.31 11.01 -10.56
N SER A 159 -18.92 9.95 -9.86
CA SER A 159 -19.46 9.64 -8.54
C SER A 159 -19.02 10.56 -7.40
N SER A 160 -17.88 11.22 -7.58
CA SER A 160 -17.33 12.08 -6.53
C SER A 160 -17.73 13.55 -6.52
N SER A 161 -17.91 14.08 -5.32
CA SER A 161 -18.28 15.46 -5.11
C SER A 161 -17.05 16.37 -5.13
N PHE A 162 -15.86 15.75 -5.07
CA PHE A 162 -14.63 16.53 -5.08
C PHE A 162 -13.80 16.10 -6.27
N ILE A 163 -12.82 16.93 -6.64
CA ILE A 163 -11.98 16.62 -7.80
C ILE A 163 -11.11 15.37 -7.63
N ILE A 164 -11.00 14.60 -8.71
CA ILE A 164 -10.18 13.39 -8.72
C ILE A 164 -9.01 13.69 -9.65
N THR A 165 -7.90 14.14 -9.07
CA THR A 165 -6.72 14.48 -9.86
C THR A 165 -6.06 13.26 -10.48
N GLN A 166 -5.06 13.51 -11.32
CA GLN A 166 -4.30 12.46 -12.02
C GLN A 166 -3.38 11.66 -11.09
N ASN A 167 -3.32 12.07 -9.82
CA ASN A 167 -2.50 11.40 -8.82
C ASN A 167 -3.39 10.55 -7.92
N MET A 168 -4.62 10.30 -8.37
CA MET A 168 -5.56 9.50 -7.61
C MET A 168 -6.24 8.49 -8.51
N PHE A 169 -6.80 7.45 -7.88
CA PHE A 169 -7.54 6.43 -8.59
C PHE A 169 -8.56 5.91 -7.60
N CYS A 170 -9.54 5.15 -8.06
CA CYS A 170 -10.58 4.67 -7.17
C CYS A 170 -10.71 3.17 -7.14
N ALA A 171 -11.21 2.68 -6.01
CA ALA A 171 -11.41 1.25 -5.82
C ALA A 171 -12.51 1.06 -4.82
N GLY A 172 -13.15 -0.09 -4.87
CA GLY A 172 -14.22 -0.35 -3.94
C GLY A 172 -15.49 -0.79 -4.62
N TYR A 173 -16.61 -0.57 -3.93
CA TYR A 173 -17.91 -0.95 -4.43
C TYR A 173 -18.85 0.24 -4.48
N ASP A 174 -19.83 0.18 -5.38
CA ASP A 174 -20.79 1.25 -5.51
C ASP A 174 -21.74 1.23 -4.31
N THR A 175 -22.33 0.08 -4.03
CA THR A 175 -23.25 -0.03 -2.91
C THR A 175 -22.84 -1.02 -1.82
N LYS A 176 -22.17 -2.10 -2.20
CA LYS A 176 -21.74 -3.11 -1.21
C LYS A 176 -21.03 -2.48 -0.03
N GLN A 177 -21.40 -2.91 1.18
CA GLN A 177 -20.84 -2.38 2.43
C GLN A 177 -19.40 -2.80 2.76
N GLU A 178 -18.46 -2.46 1.88
CA GLU A 178 -17.05 -2.78 2.08
C GLU A 178 -16.24 -1.60 1.56
N ASP A 179 -15.29 -1.14 2.36
CA ASP A 179 -14.47 0.00 1.98
C ASP A 179 -13.47 0.31 3.08
N ALA A 180 -12.45 1.10 2.76
CA ALA A 180 -11.48 1.50 3.75
C ALA A 180 -12.22 2.54 4.55
N CYS A 181 -11.55 3.15 5.52
CA CYS A 181 -12.19 4.20 6.33
C CYS A 181 -11.16 4.94 7.17
N GLN A 182 -11.63 5.87 7.99
CA GLN A 182 -10.74 6.64 8.83
C GLN A 182 -9.86 5.74 9.71
N GLY A 183 -8.55 6.01 9.71
CA GLY A 183 -7.63 5.20 10.49
C GLY A 183 -6.76 4.35 9.58
N ASP A 184 -7.32 3.97 8.44
CA ASP A 184 -6.63 3.18 7.45
C ASP A 184 -5.80 4.10 6.55
N SER A 185 -6.14 5.39 6.58
CA SER A 185 -5.46 6.39 5.77
C SER A 185 -3.95 6.26 5.86
N GLY A 186 -3.28 6.37 4.70
CA GLY A 186 -1.83 6.27 4.65
C GLY A 186 -1.41 4.82 4.49
N GLY A 187 -2.38 3.94 4.74
CA GLY A 187 -2.16 2.50 4.66
C GLY A 187 -1.92 1.93 3.29
N PRO A 188 -1.66 0.62 3.20
CA PRO A 188 -1.39 -0.04 1.93
C PRO A 188 -2.55 -0.46 1.03
N HIS A 189 -2.33 -0.27 -0.26
CA HIS A 189 -3.24 -0.72 -1.28
C HIS A 189 -2.25 -1.51 -2.11
N VAL A 190 -2.42 -2.82 -2.19
CA VAL A 190 -1.49 -3.63 -2.94
C VAL A 190 -2.23 -4.52 -3.93
N THR A 191 -1.51 -5.01 -4.92
CA THR A 191 -2.12 -5.87 -5.90
C THR A 191 -1.30 -7.15 -6.01
N ARG A 192 -1.99 -8.27 -5.95
CA ARG A 192 -1.31 -9.54 -6.03
C ARG A 192 -1.13 -10.00 -7.48
N PHE A 193 0.08 -10.44 -7.80
CA PHE A 193 0.39 -10.93 -9.13
C PHE A 193 1.29 -12.14 -8.97
N LYS A 194 0.75 -13.31 -9.28
CA LYS A 194 1.47 -14.58 -9.18
C LYS A 194 2.09 -14.78 -7.80
N ASP A 195 1.27 -14.56 -6.77
CA ASP A 195 1.69 -14.74 -5.37
C ASP A 195 2.71 -13.74 -4.85
N THR A 196 2.81 -12.59 -5.52
CA THR A 196 3.71 -11.54 -5.09
C THR A 196 2.89 -10.25 -5.09
N TYR A 197 2.91 -9.55 -3.96
CA TYR A 197 2.14 -8.33 -3.77
C TYR A 197 2.94 -7.06 -4.01
N PHE A 198 2.40 -6.19 -4.86
CA PHE A 198 3.04 -4.93 -5.21
C PHE A 198 2.20 -3.78 -4.69
N VAL A 199 2.86 -2.74 -4.17
CA VAL A 199 2.13 -1.58 -3.67
C VAL A 199 1.60 -0.83 -4.90
N THR A 200 0.32 -0.50 -4.89
CA THR A 200 -0.29 0.19 -6.01
C THR A 200 -1.01 1.46 -5.59
N GLY A 201 -1.23 1.61 -4.29
CA GLY A 201 -1.91 2.79 -3.81
C GLY A 201 -1.66 3.07 -2.35
N ILE A 202 -2.10 4.25 -1.91
CA ILE A 202 -1.99 4.68 -0.53
C ILE A 202 -3.41 5.10 -0.16
N VAL A 203 -3.97 4.50 0.89
CA VAL A 203 -5.32 4.88 1.30
C VAL A 203 -5.29 6.41 1.44
N SER A 204 -6.11 7.10 0.67
CA SER A 204 -6.11 8.56 0.72
C SER A 204 -7.35 9.15 1.35
N TRP A 205 -8.50 8.96 0.71
CA TRP A 205 -9.72 9.53 1.25
C TRP A 205 -10.96 8.98 0.60
N GLY A 206 -12.10 9.53 1.02
CA GLY A 206 -13.37 9.13 0.48
C GLY A 206 -14.39 10.06 1.13
N GLU A 207 -15.65 9.94 0.73
CA GLU A 207 -16.70 10.75 1.32
C GLU A 207 -17.40 9.78 2.25
N GLY A 208 -17.01 9.81 3.52
CA GLY A 208 -17.58 8.88 4.47
C GLY A 208 -16.88 7.56 4.24
N CYS A 209 -17.60 6.46 4.43
CA CYS A 209 -17.02 5.16 4.24
C CYS A 209 -18.07 4.15 3.81
N ALA A 210 -17.82 3.47 2.70
CA ALA A 210 -18.73 2.47 2.16
C ALA A 210 -20.09 3.03 1.78
N ARG A 211 -20.14 4.34 1.47
CA ARG A 211 -21.39 4.97 1.07
C ARG A 211 -21.78 4.52 -0.34
N LYS A 212 -23.09 4.48 -0.61
CA LYS A 212 -23.59 4.09 -1.92
C LYS A 212 -23.25 5.17 -2.95
N GLY A 213 -22.81 4.77 -4.14
CA GLY A 213 -22.48 5.74 -5.16
C GLY A 213 -21.19 6.49 -4.89
N LYS A 214 -20.46 6.06 -3.87
CA LYS A 214 -19.18 6.65 -3.49
C LYS A 214 -18.12 5.55 -3.45
N TYR A 215 -16.90 5.90 -3.86
CA TYR A 215 -15.81 4.92 -3.87
C TYR A 215 -14.66 5.30 -2.96
N GLY A 216 -13.66 4.44 -2.90
CA GLY A 216 -12.50 4.71 -2.09
C GLY A 216 -11.48 5.34 -3.01
N ILE A 217 -10.87 6.43 -2.55
CA ILE A 217 -9.88 7.12 -3.36
C ILE A 217 -8.47 6.93 -2.77
N TYR A 218 -7.57 6.47 -3.63
CA TYR A 218 -6.19 6.18 -3.27
C TYR A 218 -5.21 7.01 -4.05
N THR A 219 -4.03 7.23 -3.45
CA THR A 219 -2.98 7.96 -4.11
C THR A 219 -2.45 7.00 -5.18
N LYS A 220 -2.34 7.48 -6.42
CA LYS A 220 -1.84 6.65 -7.51
C LYS A 220 -0.34 6.53 -7.39
N VAL A 221 0.08 5.51 -6.65
CA VAL A 221 1.49 5.27 -6.43
C VAL A 221 2.32 5.15 -7.72
N THR A 222 1.78 4.54 -8.76
CA THR A 222 2.54 4.40 -10.00
C THR A 222 2.99 5.74 -10.58
N ALA A 223 2.35 6.81 -10.16
CA ALA A 223 2.69 8.15 -10.65
C ALA A 223 3.82 8.78 -9.83
N PHE A 224 4.22 8.11 -8.75
CA PHE A 224 5.27 8.66 -7.90
C PHE A 224 6.42 7.69 -7.66
N LEU A 225 6.63 6.77 -8.57
CA LEU A 225 7.70 5.79 -8.40
C LEU A 225 9.09 6.42 -8.46
N LYS A 226 9.27 7.39 -9.34
CA LYS A 226 10.56 8.06 -9.47
C LYS A 226 10.80 8.92 -8.22
N TRP A 227 9.72 9.47 -7.69
CA TRP A 227 9.78 10.30 -6.50
C TRP A 227 10.15 9.46 -5.27
N ILE A 228 9.50 8.30 -5.13
CA ILE A 228 9.77 7.40 -4.01
C ILE A 228 11.22 6.95 -4.08
N ASP A 229 11.67 6.62 -5.28
CA ASP A 229 13.04 6.17 -5.49
C ASP A 229 14.04 7.19 -4.98
N ARG A 230 13.78 8.47 -5.30
CA ARG A 230 14.66 9.56 -4.88
C ARG A 230 14.63 9.72 -3.36
N SER A 231 13.44 9.79 -2.79
CA SER A 231 13.29 9.95 -1.35
C SER A 231 13.97 8.82 -0.56
N MET A 232 13.99 7.62 -1.12
CA MET A 232 14.59 6.47 -0.45
C MET A 232 16.12 6.40 -0.56
N LYS A 233 16.73 7.55 -0.79
CA LYS A 233 18.18 7.63 -0.89
C LYS A 233 18.60 9.01 -0.39
N THR A 234 17.75 9.61 0.44
CA THR A 234 18.00 10.92 1.02
C THR A 234 17.45 10.98 2.44
N LEU B 83 2.66 -10.26 -26.99
CA LEU B 83 3.92 -10.31 -26.18
C LEU B 83 3.61 -10.15 -24.69
N CYS B 84 4.05 -9.03 -24.10
CA CYS B 84 3.78 -8.77 -22.69
C CYS B 84 2.27 -8.74 -22.43
N SER B 85 1.49 -8.55 -23.51
CA SER B 85 0.04 -8.51 -23.39
C SER B 85 -0.50 -9.93 -23.43
N LEU B 86 0.37 -10.88 -23.76
CA LEU B 86 0.01 -12.28 -23.81
C LEU B 86 0.56 -12.97 -22.56
N ASP B 87 -0.30 -13.15 -21.56
CA ASP B 87 0.09 -13.78 -20.30
C ASP B 87 1.36 -13.20 -19.68
N ASN B 88 1.44 -11.88 -19.64
CA ASN B 88 2.59 -11.19 -19.07
C ASN B 88 3.93 -11.62 -19.70
N GLY B 89 3.87 -12.15 -20.92
CA GLY B 89 5.08 -12.58 -21.59
C GLY B 89 5.73 -13.79 -20.95
N ASP B 90 5.00 -14.46 -20.06
CA ASP B 90 5.49 -15.64 -19.35
C ASP B 90 6.43 -15.22 -18.21
N CYS B 91 6.52 -13.91 -17.99
CA CYS B 91 7.37 -13.37 -16.94
C CYS B 91 6.71 -13.55 -15.59
N ASP B 92 7.54 -13.70 -14.56
CA ASP B 92 7.06 -13.85 -13.20
C ASP B 92 6.57 -12.48 -12.74
N GLN B 93 7.37 -11.45 -13.05
CA GLN B 93 7.04 -10.08 -12.66
C GLN B 93 7.04 -9.07 -13.82
N PHE B 94 7.97 -8.12 -13.81
CA PHE B 94 8.06 -7.08 -14.83
C PHE B 94 8.26 -7.60 -16.25
N CYS B 95 7.48 -7.05 -17.18
CA CYS B 95 7.58 -7.42 -18.59
C CYS B 95 7.68 -6.16 -19.44
N HIS B 96 8.68 -6.12 -20.32
CA HIS B 96 8.89 -5.00 -21.21
C HIS B 96 9.13 -5.54 -22.62
N GLU B 97 8.63 -4.84 -23.63
CA GLU B 97 8.80 -5.27 -25.02
C GLU B 97 9.92 -4.47 -25.67
N GLU B 98 11.00 -5.16 -26.04
CA GLU B 98 12.14 -4.51 -26.69
C GLU B 98 12.30 -5.11 -28.09
N GLN B 99 12.50 -4.24 -29.06
CA GLN B 99 12.67 -4.65 -30.46
C GLN B 99 11.86 -5.89 -30.81
N ASN B 100 10.56 -5.82 -30.54
CA ASN B 100 9.65 -6.93 -30.84
C ASN B 100 9.90 -8.19 -30.02
N SER B 101 10.60 -8.06 -28.92
CA SER B 101 10.91 -9.21 -28.07
C SER B 101 10.47 -8.93 -26.63
N VAL B 102 10.15 -9.98 -25.90
CA VAL B 102 9.74 -9.83 -24.50
C VAL B 102 10.97 -9.93 -23.61
N VAL B 103 11.12 -8.98 -22.68
CA VAL B 103 12.23 -9.00 -21.75
C VAL B 103 11.66 -8.92 -20.33
N CYS B 104 11.98 -9.93 -19.52
CA CYS B 104 11.50 -9.99 -18.15
C CYS B 104 12.56 -9.45 -17.20
N SER B 105 12.11 -8.94 -16.06
CA SER B 105 12.97 -8.38 -15.03
C SER B 105 12.25 -8.59 -13.70
N CYS B 106 12.88 -8.20 -12.60
CA CYS B 106 12.28 -8.41 -11.29
C CYS B 106 12.43 -7.25 -10.34
N ALA B 107 11.63 -7.29 -9.27
CA ALA B 107 11.65 -6.26 -8.23
C ALA B 107 12.98 -6.33 -7.47
N ARG B 108 13.33 -5.25 -6.78
CA ARG B 108 14.56 -5.19 -6.01
C ARG B 108 14.50 -6.33 -4.97
N GLY B 109 15.55 -7.12 -4.90
CA GLY B 109 15.56 -8.22 -3.94
C GLY B 109 15.32 -9.57 -4.59
N TYR B 110 15.20 -9.58 -5.91
CA TYR B 110 14.99 -10.80 -6.68
C TYR B 110 16.01 -10.80 -7.81
N THR B 111 16.31 -11.97 -8.34
CA THR B 111 17.24 -12.08 -9.46
C THR B 111 16.55 -12.90 -10.53
N LEU B 112 16.71 -12.50 -11.77
CA LEU B 112 16.09 -13.20 -12.89
C LEU B 112 16.73 -14.59 -13.04
N ALA B 113 15.90 -15.62 -13.05
CA ALA B 113 16.39 -16.99 -13.18
C ALA B 113 17.12 -17.21 -14.50
N ASP B 114 17.67 -18.40 -14.67
CA ASP B 114 18.39 -18.78 -15.88
C ASP B 114 17.48 -18.81 -17.11
N ASN B 115 16.20 -19.06 -16.89
CA ASN B 115 15.25 -19.11 -18.00
C ASN B 115 14.80 -17.71 -18.39
N GLY B 116 15.37 -16.70 -17.73
CA GLY B 116 15.05 -15.32 -18.02
C GLY B 116 13.61 -14.89 -17.80
N LYS B 117 12.85 -15.66 -17.04
CA LYS B 117 11.45 -15.32 -16.79
C LYS B 117 11.13 -15.33 -15.31
N ALA B 118 11.49 -16.42 -14.64
CA ALA B 118 11.24 -16.54 -13.22
C ALA B 118 12.10 -15.56 -12.43
N CYS B 119 11.63 -15.18 -11.26
CA CYS B 119 12.34 -14.25 -10.39
C CYS B 119 12.65 -15.00 -9.12
N ILE B 120 13.93 -15.00 -8.73
CA ILE B 120 14.34 -15.73 -7.53
C ILE B 120 14.68 -14.79 -6.38
N PRO B 121 14.12 -15.06 -5.18
CA PRO B 121 14.38 -14.23 -3.98
C PRO B 121 15.87 -14.23 -3.66
N THR B 122 16.43 -13.04 -3.44
CA THR B 122 17.85 -12.90 -3.14
C THR B 122 18.18 -13.30 -1.71
N GLY B 123 17.21 -13.17 -0.81
CA GLY B 123 17.47 -13.52 0.57
C GLY B 123 16.20 -13.80 1.35
N PRO B 124 16.26 -13.72 2.68
CA PRO B 124 15.09 -13.97 3.52
C PRO B 124 14.11 -12.82 3.45
N TYR B 125 12.85 -13.13 3.66
CA TYR B 125 11.79 -12.13 3.63
C TYR B 125 11.89 -11.18 2.43
N PRO B 126 11.80 -11.73 1.20
CA PRO B 126 11.87 -10.86 0.02
C PRO B 126 10.57 -10.08 -0.08
N CYS B 127 10.60 -8.94 -0.76
CA CYS B 127 9.40 -8.11 -0.88
C CYS B 127 8.23 -8.86 -1.51
N GLY B 128 7.03 -8.42 -1.15
CA GLY B 128 5.82 -8.99 -1.70
C GLY B 128 5.36 -10.38 -1.28
N LYS B 129 6.11 -11.02 -0.39
CA LYS B 129 5.72 -12.37 0.05
C LYS B 129 5.16 -12.40 1.46
N GLN B 130 3.98 -13.00 1.62
CA GLN B 130 3.38 -13.11 2.94
C GLN B 130 4.36 -14.01 3.73
N THR B 131 4.51 -13.76 5.02
CA THR B 131 5.44 -14.53 5.83
C THR B 131 4.88 -15.86 6.35
N LEU B 132 5.70 -16.91 6.27
CA LEU B 132 5.32 -18.26 6.72
C LEU B 132 6.05 -18.76 7.98
N GLU B 133 6.96 -17.95 8.50
CA GLU B 133 7.72 -18.29 9.69
C GLU B 133 8.56 -17.10 10.14
CA CA C . -0.37 -6.93 19.31
N10 RRR D . -13.33 16.20 2.31
C4 RRR D . -12.60 16.42 1.15
C5 RRR D . -12.44 15.13 0.52
C6 RRR D . -11.71 15.09 -0.71
N1 RRR D . -11.21 16.23 -1.24
C2 RRR D . -11.34 17.45 -0.66
C3 RRR D . -12.05 17.59 0.58
C12 RRR D . -13.09 14.16 1.31
C11 RRR D . -13.62 14.89 2.40
C13 RRR D . -14.44 14.36 3.58
N14 RRR D . -13.97 13.18 4.32
C17 RRR D . -14.85 12.13 4.54
O44 RRR D . -16.01 12.12 4.13
C18 RRR D . -14.30 10.95 5.35
N19 RRR D . -12.87 11.13 5.89
C20 RRR D . -12.03 11.82 5.14
C21 RRR D . -12.57 13.23 4.81
S28 RRR D . -12.28 9.46 6.42
O37 RRR D . -13.45 8.85 6.98
O45 RRR D . -11.28 10.05 7.25
C29 RRR D . -11.52 8.39 5.28
C30 RRR D . -12.32 7.70 4.46
C31 RRR D . -11.88 6.80 3.39
C35 RRR D . -12.85 6.09 2.58
C34 RRR D . -12.23 5.30 1.57
C33 RRR D . -10.79 5.42 1.63
CL36 RRR D . -9.75 4.60 0.53
S32 RRR D . -10.27 6.47 2.90
#